data_6HBZ
#
_entry.id   6HBZ
#
_cell.length_a   176.776
_cell.length_b   176.776
_cell.length_c   112.117
_cell.angle_alpha   90.000
_cell.angle_beta   90.000
_cell.angle_gamma   120.000
#
_symmetry.space_group_name_H-M   'P 65 2 2'
#
loop_
_entity.id
_entity.type
_entity.pdbx_description
1 polymer 'GGDEF domain protein'
2 non-polymer "9,9'-[(2R,3R,3aS,5S,7aR,9R,10R,10aS,12S,14aR)-3,5,10,12-tetrahydroxy-5,12-dioxidooctahydro-2H,7H-difuro[3,2-d:3',2'-j][1,3,7,9,2,8]tetraoxadiphosphacyclododecine-2,9-diyl]bis(2-amino-1,9-dihydro-6H-purin-6-one)"
3 non-polymer 'CHLORIDE ION'
4 non-polymer 1,2-ETHANEDIOL
5 water water
#
_entity_poly.entity_id   1
_entity_poly.type   'polypeptide(L)'
_entity_poly.pdbx_seq_one_letter_code
;VPPAIVVLIGPPGYVGKQYPITASDIVIGRSVESQVYIDDKSLSRSHAKFAVNGSEVSVIDLGSTNKTIVNGQVIPPLAS
CLLKNNDQIKTGNVIFKFLEKGSIEAMTNAAMYDRAQKDALTGAHSKGALLDKGPEAMKRAEVLNEPFSLVTFDIDHFKK
INDSYGHPGGDYVLKELCRIVITKLIRSNDFFARYGGEEFVLLLSGSPSKTAGEVGERIRQTIEAHDFTFEGKKIPVTIS
VGVATKLPNETEWTQVYDRADKALYQSKQGGRNRTTIVA
;
_entity_poly.pdbx_strand_id   A,B
#
# COMPACT_ATOMS: atom_id res chain seq x y z
N VAL A 1 10.74 -2.49 -32.08
CA VAL A 1 9.90 -2.53 -30.83
C VAL A 1 10.82 -2.61 -29.59
N PRO A 2 10.79 -1.57 -28.73
CA PRO A 2 11.88 -1.42 -27.78
C PRO A 2 11.87 -2.45 -26.66
N PRO A 3 13.03 -2.67 -26.01
CA PRO A 3 12.97 -3.51 -24.80
C PRO A 3 12.06 -2.88 -23.73
N ALA A 4 11.61 -3.70 -22.78
CA ALA A 4 10.69 -3.23 -21.75
C ALA A 4 10.86 -3.98 -20.45
N ILE A 5 10.27 -3.43 -19.38
CA ILE A 5 10.11 -4.18 -18.14
C ILE A 5 8.63 -4.32 -17.87
N VAL A 6 8.25 -5.47 -17.35
CA VAL A 6 6.86 -5.77 -17.04
C VAL A 6 6.78 -6.08 -15.55
N VAL A 7 5.76 -5.54 -14.92
CA VAL A 7 5.58 -5.73 -13.46
C VAL A 7 5.02 -7.13 -13.22
N LEU A 8 5.75 -7.95 -12.46
CA LEU A 8 5.29 -9.27 -12.04
C LEU A 8 4.53 -9.20 -10.72
N ILE A 9 5.10 -8.46 -9.78
CA ILE A 9 4.53 -8.26 -8.42
C ILE A 9 4.62 -6.78 -8.13
N GLY A 10 3.54 -6.18 -7.63
CA GLY A 10 3.52 -4.76 -7.33
C GLY A 10 2.20 -4.37 -6.69
N PRO A 11 2.02 -3.09 -6.39
CA PRO A 11 0.74 -2.67 -5.78
C PRO A 11 -0.44 -2.93 -6.71
N PRO A 12 -1.66 -2.95 -6.16
CA PRO A 12 -2.82 -3.21 -6.98
C PRO A 12 -2.96 -2.19 -8.10
N GLY A 13 -3.24 -2.69 -9.30
CA GLY A 13 -3.30 -1.88 -10.49
C GLY A 13 -2.05 -1.92 -11.35
N TYR A 14 -0.92 -2.38 -10.83
CA TYR A 14 0.36 -2.33 -11.56
C TYR A 14 0.74 -3.63 -12.25
N VAL A 15 0.23 -4.77 -11.80
CA VAL A 15 0.70 -6.07 -12.28
C VAL A 15 0.34 -6.18 -13.76
N GLY A 16 1.32 -6.58 -14.56
CA GLY A 16 1.17 -6.65 -16.01
C GLY A 16 1.49 -5.37 -16.75
N LYS A 17 1.69 -4.26 -16.03
CA LYS A 17 2.02 -2.99 -16.68
C LYS A 17 3.42 -3.07 -17.29
N GLN A 18 3.57 -2.57 -18.51
CA GLN A 18 4.87 -2.59 -19.20
C GLN A 18 5.43 -1.18 -19.36
N TYR A 19 6.72 -1.03 -19.15
CA TYR A 19 7.38 0.27 -19.30
C TYR A 19 8.45 0.10 -20.36
N PRO A 20 8.32 0.77 -21.50
CA PRO A 20 9.41 0.68 -22.50
C PRO A 20 10.72 1.32 -21.98
N ILE A 21 11.86 0.66 -22.21
CA ILE A 21 13.16 1.18 -21.83
C ILE A 21 13.81 1.70 -23.13
N THR A 22 13.44 2.92 -23.48
CA THR A 22 13.82 3.57 -24.74
C THR A 22 15.09 4.41 -24.65
N ALA A 23 15.55 4.72 -23.45
CA ALA A 23 16.70 5.61 -23.29
C ALA A 23 17.35 5.45 -21.95
N SER A 24 18.54 6.02 -21.85
CA SER A 24 19.26 6.03 -20.59
C SER A 24 18.58 7.03 -19.64
N ASP A 25 18.78 6.77 -18.33
CA ASP A 25 18.27 7.62 -17.25
C ASP A 25 16.76 7.57 -17.01
N ILE A 26 16.15 6.47 -17.42
CA ILE A 26 14.80 6.10 -17.00
C ILE A 26 14.95 5.56 -15.57
N VAL A 27 14.20 6.16 -14.65
CA VAL A 27 14.32 5.89 -13.23
C VAL A 27 13.08 5.13 -12.72
N ILE A 28 13.36 4.08 -11.94
CA ILE A 28 12.35 3.37 -11.17
C ILE A 28 12.39 4.04 -9.79
N GLY A 29 11.23 4.45 -9.32
CA GLY A 29 11.15 5.06 -8.01
C GLY A 29 9.74 5.44 -7.63
N ARG A 30 9.59 5.83 -6.37
CA ARG A 30 8.29 6.28 -5.90
C ARG A 30 8.08 7.79 -5.97
N SER A 31 9.09 8.53 -6.41
CA SER A 31 8.92 9.95 -6.74
C SER A 31 8.08 10.07 -8.01
N VAL A 32 7.18 11.07 -8.02
CA VAL A 32 6.33 11.34 -9.18
C VAL A 32 7.09 11.65 -10.46
N GLU A 33 8.30 12.16 -10.36
CA GLU A 33 9.12 12.45 -11.57
C GLU A 33 9.67 11.18 -12.23
N SER A 34 9.61 10.03 -11.55
CA SER A 34 10.13 8.78 -12.08
C SER A 34 9.37 8.37 -13.32
N GLN A 35 10.11 8.00 -14.37
CA GLN A 35 9.50 7.47 -15.58
C GLN A 35 8.82 6.12 -15.30
N VAL A 36 9.40 5.32 -14.42
CA VAL A 36 8.77 4.10 -13.95
C VAL A 36 8.36 4.40 -12.50
N TYR A 37 7.23 5.07 -12.39
CA TYR A 37 6.66 5.54 -11.14
C TYR A 37 5.83 4.44 -10.50
N ILE A 38 6.26 3.94 -9.35
CA ILE A 38 5.51 2.90 -8.64
C ILE A 38 5.25 3.45 -7.24
N ASP A 39 3.98 3.60 -6.93
CA ASP A 39 3.54 4.13 -5.64
C ASP A 39 3.61 3.03 -4.56
N ASP A 40 4.82 2.78 -4.08
CA ASP A 40 5.07 1.73 -3.08
C ASP A 40 6.18 2.20 -2.14
N LYS A 41 5.91 2.20 -0.82
CA LYS A 41 6.85 2.71 0.15
C LYS A 41 8.15 1.94 0.26
N SER A 42 8.19 0.70 -0.21
CA SER A 42 9.44 -0.07 -0.19
C SER A 42 10.47 0.39 -1.27
N LEU A 43 10.02 1.20 -2.22
N LEU A 43 10.02 1.20 -2.22
CA LEU A 43 10.94 1.80 -3.20
CA LEU A 43 10.95 1.80 -3.21
C LEU A 43 11.47 3.13 -2.69
C LEU A 43 11.47 3.13 -2.69
N SER A 44 12.76 3.40 -2.96
CA SER A 44 13.31 4.72 -2.78
C SER A 44 12.67 5.70 -3.76
N ARG A 45 12.77 6.99 -3.46
CA ARG A 45 12.21 8.01 -4.33
C ARG A 45 12.86 7.91 -5.75
N SER A 46 14.17 7.76 -5.75
CA SER A 46 14.93 7.36 -6.93
C SER A 46 15.71 6.09 -6.60
N HIS A 47 15.24 4.96 -7.10
CA HIS A 47 15.72 3.66 -6.65
C HIS A 47 16.79 3.09 -7.56
N ALA A 48 16.48 3.02 -8.84
CA ALA A 48 17.44 2.49 -9.84
C ALA A 48 17.17 3.19 -11.17
N LYS A 49 18.18 3.15 -12.04
CA LYS A 49 18.00 3.71 -13.38
C LYS A 49 18.58 2.76 -14.41
N PHE A 50 18.16 2.99 -15.64
CA PHE A 50 18.64 2.23 -16.78
C PHE A 50 19.68 3.01 -17.58
N ALA A 51 20.60 2.26 -18.19
CA ALA A 51 21.56 2.80 -19.13
C ALA A 51 21.36 1.99 -20.41
N VAL A 52 21.23 2.69 -21.53
CA VAL A 52 21.07 2.02 -22.83
C VAL A 52 22.29 2.38 -23.70
N ASN A 53 22.98 1.36 -24.17
CA ASN A 53 24.19 1.51 -25.02
C ASN A 53 23.88 0.64 -26.24
N GLY A 54 23.19 1.25 -27.20
CA GLY A 54 22.71 0.53 -28.39
C GLY A 54 21.65 -0.49 -28.03
N SER A 55 21.98 -1.77 -28.20
CA SER A 55 21.09 -2.89 -27.87
C SER A 55 21.27 -3.38 -26.43
N GLU A 56 22.32 -2.90 -25.75
CA GLU A 56 22.65 -3.34 -24.39
C GLU A 56 21.96 -2.45 -23.38
N VAL A 57 21.11 -3.06 -22.56
CA VAL A 57 20.38 -2.36 -21.50
C VAL A 57 20.94 -2.87 -20.17
N SER A 58 21.34 -1.92 -19.32
CA SER A 58 21.85 -2.19 -17.99
C SER A 58 21.03 -1.45 -16.93
N VAL A 59 21.03 -2.00 -15.71
CA VAL A 59 20.35 -1.34 -14.58
C VAL A 59 21.42 -0.99 -13.54
N ILE A 60 21.23 0.17 -12.90
CA ILE A 60 22.18 0.73 -11.98
C ILE A 60 21.40 1.09 -10.70
N ASP A 61 21.86 0.61 -9.56
CA ASP A 61 21.25 0.98 -8.27
C ASP A 61 21.70 2.40 -7.88
N LEU A 62 20.76 3.19 -7.36
CA LEU A 62 21.02 4.58 -6.99
C LEU A 62 21.11 4.77 -5.49
N GLY A 63 21.77 3.84 -4.80
CA GLY A 63 21.89 3.94 -3.34
C GLY A 63 20.56 3.71 -2.62
N SER A 64 19.83 2.69 -3.05
CA SER A 64 18.52 2.39 -2.48
C SER A 64 18.65 1.69 -1.13
N THR A 65 17.71 1.97 -0.23
CA THR A 65 17.65 1.25 1.05
C THR A 65 17.42 -0.25 0.84
N ASN A 66 16.39 -0.59 0.05
CA ASN A 66 15.95 -1.99 -0.07
C ASN A 66 16.58 -2.78 -1.23
N LYS A 67 17.56 -2.16 -1.88
CA LYS A 67 18.46 -2.81 -2.85
C LYS A 67 17.84 -2.97 -4.21
N THR A 68 18.72 -3.15 -5.19
CA THR A 68 18.35 -3.60 -6.52
C THR A 68 18.95 -4.99 -6.70
N ILE A 69 18.10 -5.96 -7.00
CA ILE A 69 18.47 -7.36 -7.02
C ILE A 69 18.07 -7.96 -8.36
N VAL A 70 19.06 -8.48 -9.08
CA VAL A 70 18.83 -9.07 -10.40
C VAL A 70 19.07 -10.58 -10.32
N ASN A 71 18.03 -11.35 -10.58
CA ASN A 71 18.06 -12.82 -10.47
C ASN A 71 18.65 -13.27 -9.13
N GLY A 72 18.21 -12.66 -8.05
CA GLY A 72 18.69 -13.01 -6.73
C GLY A 72 20.02 -12.45 -6.26
N GLN A 73 20.75 -11.74 -7.12
CA GLN A 73 22.04 -11.14 -6.77
C GLN A 73 21.94 -9.61 -6.53
N VAL A 74 22.36 -9.15 -5.36
CA VAL A 74 22.36 -7.73 -5.02
C VAL A 74 23.34 -6.97 -5.91
N ILE A 75 22.89 -5.88 -6.53
CA ILE A 75 23.81 -5.07 -7.31
C ILE A 75 24.24 -3.88 -6.47
N PRO A 76 25.55 -3.72 -6.22
CA PRO A 76 25.98 -2.61 -5.37
C PRO A 76 25.61 -1.23 -5.95
N PRO A 77 25.50 -0.21 -5.08
CA PRO A 77 25.22 1.12 -5.57
C PRO A 77 26.19 1.56 -6.67
N LEU A 78 25.60 2.11 -7.73
CA LEU A 78 26.33 2.67 -8.87
C LEU A 78 27.08 1.65 -9.74
N ALA A 79 26.95 0.36 -9.45
CA ALA A 79 27.46 -0.69 -10.33
C ALA A 79 26.39 -0.93 -11.37
N SER A 80 26.82 -1.34 -12.54
CA SER A 80 25.93 -1.47 -13.69
C SER A 80 25.83 -2.93 -14.04
N CYS A 81 24.60 -3.48 -14.14
CA CYS A 81 24.39 -4.90 -14.43
C CYS A 81 23.67 -5.05 -15.77
N LEU A 82 24.35 -5.71 -16.70
CA LEU A 82 23.86 -5.88 -18.06
C LEU A 82 22.69 -6.89 -18.02
N LEU A 83 21.55 -6.49 -18.58
CA LEU A 83 20.34 -7.32 -18.59
C LEU A 83 20.23 -8.16 -19.85
N LYS A 84 19.58 -9.31 -19.70
CA LYS A 84 19.21 -10.17 -20.81
C LYS A 84 17.78 -10.64 -20.65
N ASN A 85 17.21 -11.12 -21.74
CA ASN A 85 15.80 -11.52 -21.79
C ASN A 85 15.43 -12.40 -20.60
N ASN A 86 14.30 -12.06 -19.99
CA ASN A 86 13.70 -12.78 -18.84
C ASN A 86 14.40 -12.58 -17.49
N ASP A 87 15.38 -11.69 -17.41
CA ASP A 87 15.98 -11.36 -16.10
C ASP A 87 14.92 -10.76 -15.21
N GLN A 88 14.98 -11.09 -13.92
CA GLN A 88 14.07 -10.51 -12.94
C GLN A 88 14.82 -9.46 -12.13
N ILE A 89 14.16 -8.31 -11.97
CA ILE A 89 14.72 -7.18 -11.26
C ILE A 89 13.80 -6.92 -10.07
N LYS A 90 14.35 -7.04 -8.86
CA LYS A 90 13.59 -6.75 -7.63
C LYS A 90 14.10 -5.46 -7.00
N THR A 91 13.18 -4.51 -6.90
CA THR A 91 13.43 -3.22 -6.26
C THR A 91 12.42 -3.10 -5.12
N GLY A 92 12.89 -3.27 -3.91
CA GLY A 92 11.94 -3.35 -2.75
C GLY A 92 11.00 -4.52 -2.94
N ASN A 93 9.70 -4.29 -2.79
CA ASN A 93 8.70 -5.35 -2.90
C ASN A 93 8.11 -5.42 -4.30
N VAL A 94 8.69 -4.69 -5.25
CA VAL A 94 8.25 -4.72 -6.65
C VAL A 94 9.24 -5.56 -7.42
N ILE A 95 8.71 -6.45 -8.25
CA ILE A 95 9.52 -7.30 -9.09
C ILE A 95 9.08 -7.13 -10.54
N PHE A 96 10.08 -6.88 -11.39
CA PHE A 96 9.92 -6.72 -12.83
C PHE A 96 10.59 -7.87 -13.58
N LYS A 97 10.08 -8.14 -14.77
CA LYS A 97 10.79 -9.01 -15.74
C LYS A 97 11.26 -8.15 -16.90
N PHE A 98 12.51 -8.35 -17.29
CA PHE A 98 13.08 -7.62 -18.44
C PHE A 98 12.78 -8.38 -19.72
N LEU A 99 12.27 -7.68 -20.73
CA LEU A 99 11.92 -8.28 -22.01
C LEU A 99 12.80 -7.60 -23.09
N GLU A 100 13.60 -8.38 -23.82
CA GLU A 100 14.40 -7.82 -24.93
C GLU A 100 13.49 -7.14 -25.96
N LYS A 101 12.30 -7.70 -26.15
CA LYS A 101 11.21 -7.11 -26.96
C LYS A 101 9.91 -7.08 -26.15
N GLY A 102 9.37 -5.87 -25.91
CA GLY A 102 8.10 -5.71 -25.19
C GLY A 102 6.88 -5.99 -26.06
N SER A 103 5.78 -6.35 -25.44
CA SER A 103 4.53 -6.68 -26.13
C SER A 103 3.79 -5.37 -26.41
N TYR A 113 -6.77 -3.20 -21.31
CA TYR A 113 -7.03 -1.73 -21.19
C TYR A 113 -8.33 -1.38 -20.46
N ASP A 114 -9.45 -1.94 -20.92
CA ASP A 114 -10.75 -1.77 -20.23
C ASP A 114 -10.84 -2.49 -18.84
N ARG A 115 -12.06 -2.75 -18.35
CA ARG A 115 -12.25 -3.41 -17.04
C ARG A 115 -12.05 -4.94 -17.12
N ALA A 116 -12.61 -5.55 -18.16
CA ALA A 116 -12.45 -7.01 -18.39
C ALA A 116 -11.01 -7.36 -18.79
N GLN A 117 -10.37 -6.46 -19.52
CA GLN A 117 -9.02 -6.73 -20.05
C GLN A 117 -8.02 -6.69 -18.90
N LYS A 118 -8.17 -5.73 -17.98
CA LYS A 118 -7.36 -5.67 -16.76
C LYS A 118 -7.57 -6.85 -15.81
N ASP A 119 -8.83 -7.27 -15.59
CA ASP A 119 -9.10 -8.47 -14.78
C ASP A 119 -8.60 -9.76 -15.46
N ALA A 120 -8.62 -9.84 -16.79
CA ALA A 120 -8.02 -10.98 -17.52
C ALA A 120 -6.52 -11.07 -17.28
N LEU A 121 -5.86 -9.91 -17.38
CA LEU A 121 -4.41 -9.74 -17.14
C LEU A 121 -3.86 -10.42 -15.90
N THR A 122 -4.55 -10.24 -14.76
CA THR A 122 -4.19 -10.87 -13.49
C THR A 122 -4.93 -12.19 -13.14
N GLY A 123 -6.08 -12.43 -13.78
CA GLY A 123 -6.91 -13.60 -13.47
C GLY A 123 -7.72 -13.37 -12.18
N ALA A 124 -8.26 -12.15 -12.07
CA ALA A 124 -8.92 -11.69 -10.85
C ALA A 124 -10.21 -12.47 -10.64
N HIS A 125 -10.68 -12.46 -9.39
CA HIS A 125 -11.85 -13.25 -9.00
C HIS A 125 -11.60 -14.74 -9.30
N SER A 126 -10.40 -15.20 -8.96
CA SER A 126 -10.06 -16.63 -8.93
C SER A 126 -10.16 -17.42 -10.27
N LYS A 127 -9.77 -16.76 -11.37
CA LYS A 127 -9.76 -17.41 -12.69
C LYS A 127 -8.78 -18.59 -12.76
N GLY A 128 -7.64 -18.46 -12.09
CA GLY A 128 -6.56 -19.45 -12.19
C GLY A 128 -6.87 -20.83 -11.62
N ALA A 129 -5.87 -21.72 -11.75
CA ALA A 129 -5.92 -23.08 -11.18
C ALA A 129 -5.16 -23.12 -9.88
N LEU A 130 -5.71 -23.85 -8.90
CA LEU A 130 -5.10 -23.94 -7.58
C LEU A 130 -3.71 -24.55 -7.65
N LEU A 131 -3.51 -25.55 -8.51
CA LEU A 131 -2.20 -26.18 -8.65
C LEU A 131 -1.14 -25.25 -9.25
N ASP A 132 -1.55 -24.18 -9.93
CA ASP A 132 -0.64 -23.09 -10.32
C ASP A 132 -0.47 -22.05 -9.25
N LYS A 133 -1.58 -21.69 -8.59
CA LYS A 133 -1.59 -20.59 -7.62
C LYS A 133 -0.85 -20.92 -6.34
N GLY A 134 -0.91 -22.16 -5.88
CA GLY A 134 -0.15 -22.62 -4.71
C GLY A 134 1.34 -22.37 -4.83
N PRO A 135 1.96 -22.89 -5.89
CA PRO A 135 3.40 -22.63 -6.07
C PRO A 135 3.71 -21.13 -6.21
N GLU A 136 2.83 -20.38 -6.89
CA GLU A 136 3.00 -18.94 -7.04
C GLU A 136 3.05 -18.24 -5.65
N ALA A 137 2.15 -18.65 -4.76
CA ALA A 137 2.09 -18.07 -3.42
C ALA A 137 3.32 -18.42 -2.59
N MET A 138 3.83 -19.66 -2.74
CA MET A 138 5.05 -20.05 -2.04
C MET A 138 6.25 -19.25 -2.54
N LYS A 139 6.36 -19.09 -3.86
CA LYS A 139 7.49 -18.33 -4.43
C LYS A 139 7.44 -16.86 -3.98
N ARG A 140 6.25 -16.28 -4.00
CA ARG A 140 6.08 -14.90 -3.58
C ARG A 140 6.46 -14.72 -2.11
N ALA A 141 5.96 -15.60 -1.24
CA ALA A 141 6.30 -15.54 0.19
C ALA A 141 7.79 -15.58 0.42
N GLU A 142 8.49 -16.47 -0.28
CA GLU A 142 9.94 -16.65 -0.14
C GLU A 142 10.70 -15.42 -0.65
N VAL A 143 10.36 -14.93 -1.84
CA VAL A 143 11.15 -13.82 -2.40
C VAL A 143 10.87 -12.49 -1.68
N LEU A 144 9.65 -12.30 -1.16
CA LEU A 144 9.32 -11.04 -0.47
C LEU A 144 9.49 -11.11 1.04
N ASN A 145 9.74 -12.31 1.58
CA ASN A 145 9.69 -12.54 3.02
C ASN A 145 8.36 -12.02 3.58
N GLU A 146 7.26 -12.42 2.93
CA GLU A 146 5.93 -11.90 3.23
C GLU A 146 5.05 -13.03 3.72
N PRO A 147 4.30 -12.80 4.83
CA PRO A 147 3.41 -13.82 5.35
C PRO A 147 2.42 -14.36 4.33
N PHE A 148 2.25 -15.67 4.29
CA PHE A 148 1.29 -16.30 3.41
C PHE A 148 0.44 -17.24 4.28
N SER A 149 -0.87 -16.96 4.34
CA SER A 149 -1.80 -17.84 5.05
C SER A 149 -2.75 -18.57 4.10
N LEU A 150 -3.09 -19.78 4.51
CA LEU A 150 -4.04 -20.63 3.80
C LEU A 150 -5.17 -20.99 4.78
N VAL A 151 -6.40 -20.78 4.29
CA VAL A 151 -7.61 -21.10 5.04
C VAL A 151 -8.28 -22.23 4.27
N THR A 152 -8.59 -23.31 4.96
CA THR A 152 -9.34 -24.39 4.36
C THR A 152 -10.68 -24.53 5.06
N PHE A 153 -11.69 -24.89 4.28
N PHE A 153 -11.70 -24.88 4.29
CA PHE A 153 -13.09 -25.01 4.70
CA PHE A 153 -12.94 -25.21 4.90
C PHE A 153 -13.66 -26.33 4.21
C PHE A 153 -13.69 -26.32 4.21
N ASP A 154 -14.63 -26.87 4.95
CA ASP A 154 -15.26 -28.12 4.61
C ASP A 154 -16.71 -28.00 4.99
N ILE A 155 -17.62 -28.50 4.18
CA ILE A 155 -19.03 -28.46 4.51
C ILE A 155 -19.32 -29.52 5.55
N ASP A 156 -19.99 -29.12 6.63
CA ASP A 156 -20.36 -30.05 7.68
C ASP A 156 -21.47 -30.99 7.20
N HIS A 157 -21.32 -32.27 7.50
CA HIS A 157 -22.35 -33.28 7.25
C HIS A 157 -22.70 -33.33 5.77
N PHE A 158 -21.68 -33.25 4.92
CA PHE A 158 -21.89 -33.19 3.48
C PHE A 158 -22.48 -34.50 2.96
N LYS A 159 -22.03 -35.65 3.47
CA LYS A 159 -22.64 -36.94 3.16
C LYS A 159 -24.16 -36.94 3.42
N LYS A 160 -24.59 -36.36 4.54
CA LYS A 160 -26.01 -36.24 4.85
C LYS A 160 -26.78 -35.37 3.84
N ILE A 161 -26.14 -34.31 3.34
CA ILE A 161 -26.76 -33.46 2.31
C ILE A 161 -26.96 -34.28 1.03
N ASN A 162 -25.93 -35.01 0.62
CA ASN A 162 -26.04 -35.87 -0.56
C ASN A 162 -27.09 -36.96 -0.39
N ASP A 163 -27.11 -37.63 0.76
CA ASP A 163 -28.11 -38.66 1.03
C ASP A 163 -29.53 -38.10 0.98
N SER A 164 -29.73 -36.90 1.56
CA SER A 164 -31.06 -36.34 1.74
C SER A 164 -31.59 -35.68 0.47
N TYR A 165 -30.73 -34.96 -0.25
CA TYR A 165 -31.16 -34.18 -1.43
C TYR A 165 -30.60 -34.70 -2.75
N GLY A 166 -29.86 -35.81 -2.72
CA GLY A 166 -29.18 -36.31 -3.90
C GLY A 166 -27.87 -35.59 -4.17
N HIS A 167 -27.01 -36.26 -4.94
CA HIS A 167 -25.75 -35.66 -5.39
C HIS A 167 -25.93 -34.32 -6.10
N PRO A 168 -26.99 -34.18 -6.93
CA PRO A 168 -27.21 -32.85 -7.49
C PRO A 168 -27.44 -31.74 -6.43
N GLY A 169 -28.03 -32.11 -5.28
CA GLY A 169 -28.21 -31.17 -4.16
C GLY A 169 -26.87 -30.70 -3.57
N GLY A 170 -26.01 -31.66 -3.26
CA GLY A 170 -24.68 -31.37 -2.80
C GLY A 170 -23.86 -30.59 -3.83
N ASP A 171 -23.97 -30.96 -5.11
CA ASP A 171 -23.34 -30.22 -6.21
C ASP A 171 -23.79 -28.77 -6.24
N TYR A 172 -25.09 -28.54 -6.12
CA TYR A 172 -25.63 -27.19 -6.04
C TYR A 172 -24.97 -26.40 -4.89
N VAL A 173 -24.89 -27.03 -3.72
CA VAL A 173 -24.30 -26.38 -2.53
C VAL A 173 -22.83 -26.00 -2.77
N LEU A 174 -22.04 -26.95 -3.27
CA LEU A 174 -20.62 -26.68 -3.56
C LEU A 174 -20.47 -25.50 -4.54
N LYS A 175 -21.22 -25.56 -5.63
CA LYS A 175 -21.16 -24.53 -6.67
C LYS A 175 -21.63 -23.16 -6.14
N GLU A 176 -22.72 -23.16 -5.37
CA GLU A 176 -23.28 -21.94 -4.83
C GLU A 176 -22.37 -21.32 -3.77
N LEU A 177 -21.82 -22.13 -2.89
CA LEU A 177 -20.88 -21.67 -1.88
C LEU A 177 -19.68 -20.98 -2.55
N CYS A 178 -19.09 -21.63 -3.56
CA CYS A 178 -17.99 -21.04 -4.35
C CYS A 178 -18.40 -19.65 -4.97
N ARG A 179 -19.61 -19.63 -5.55
CA ARG A 179 -20.12 -18.39 -6.15
C ARG A 179 -20.19 -17.25 -5.12
N ILE A 180 -20.77 -17.54 -3.96
CA ILE A 180 -20.95 -16.53 -2.92
C ILE A 180 -19.60 -16.03 -2.41
N VAL A 181 -18.71 -16.96 -2.08
CA VAL A 181 -17.42 -16.57 -1.54
C VAL A 181 -16.68 -15.66 -2.53
N ILE A 182 -16.54 -16.10 -3.78
CA ILE A 182 -15.75 -15.37 -4.80
C ILE A 182 -16.38 -14.02 -5.15
N THR A 183 -17.68 -14.01 -5.39
CA THR A 183 -18.34 -12.82 -5.91
C THR A 183 -18.79 -11.84 -4.84
N LYS A 184 -18.96 -12.27 -3.58
CA LYS A 184 -19.46 -11.38 -2.52
C LYS A 184 -18.55 -11.18 -1.30
N LEU A 185 -17.71 -12.15 -0.94
CA LEU A 185 -17.09 -12.17 0.41
C LEU A 185 -15.58 -11.94 0.51
N ILE A 186 -14.83 -12.11 -0.59
CA ILE A 186 -13.37 -11.96 -0.54
C ILE A 186 -12.89 -10.97 -1.58
N ARG A 187 -11.64 -10.51 -1.41
CA ARG A 187 -11.11 -9.51 -2.29
C ARG A 187 -10.78 -10.12 -3.66
N SER A 188 -10.87 -9.29 -4.69
CA SER A 188 -10.71 -9.75 -6.07
C SER A 188 -9.34 -10.41 -6.33
N ASN A 189 -8.30 -10.00 -5.62
CA ASN A 189 -6.99 -10.64 -5.76
C ASN A 189 -6.70 -11.77 -4.74
N ASP A 190 -7.65 -12.06 -3.86
CA ASP A 190 -7.59 -13.32 -3.09
C ASP A 190 -7.92 -14.49 -4.02
N PHE A 191 -7.35 -15.65 -3.75
CA PHE A 191 -7.62 -16.83 -4.56
C PHE A 191 -8.39 -17.87 -3.79
N PHE A 192 -9.53 -18.26 -4.31
CA PHE A 192 -10.39 -19.28 -3.69
C PHE A 192 -10.70 -20.38 -4.69
N ALA A 193 -10.52 -21.64 -4.27
CA ALA A 193 -10.85 -22.80 -5.10
C ALA A 193 -11.36 -24.02 -4.33
N ARG A 194 -12.08 -24.88 -5.04
CA ARG A 194 -12.40 -26.21 -4.56
C ARG A 194 -11.13 -27.05 -4.55
N TYR A 195 -11.00 -27.93 -3.58
CA TYR A 195 -9.89 -28.86 -3.48
C TYR A 195 -10.44 -30.17 -2.99
N GLY A 196 -10.28 -31.24 -3.78
CA GLY A 196 -10.90 -32.53 -3.49
C GLY A 196 -12.43 -32.48 -3.52
N GLY A 197 -13.05 -33.44 -2.84
CA GLY A 197 -14.50 -33.67 -2.98
C GLY A 197 -15.39 -32.59 -2.39
N GLU A 198 -15.07 -32.18 -1.18
CA GLU A 198 -15.95 -31.31 -0.41
C GLU A 198 -15.22 -30.15 0.25
N GLU A 199 -13.90 -29.95 -0.03
CA GLU A 199 -13.13 -28.94 0.63
C GLU A 199 -12.89 -27.73 -0.29
N PHE A 200 -12.55 -26.62 0.34
CA PHE A 200 -12.20 -25.39 -0.33
C PHE A 200 -10.92 -24.84 0.30
N VAL A 201 -10.14 -24.12 -0.52
CA VAL A 201 -8.90 -23.51 -0.12
C VAL A 201 -8.95 -22.03 -0.51
N LEU A 202 -8.59 -21.18 0.44
CA LEU A 202 -8.44 -19.73 0.25
C LEU A 202 -6.99 -19.39 0.53
N LEU A 203 -6.33 -18.76 -0.45
CA LEU A 203 -4.95 -18.32 -0.31
C LEU A 203 -4.96 -16.83 -0.01
N LEU A 204 -4.30 -16.46 1.10
CA LEU A 204 -4.19 -15.06 1.50
C LEU A 204 -2.71 -14.67 1.52
N SER A 205 -2.16 -14.31 0.36
CA SER A 205 -0.79 -13.79 0.29
C SER A 205 -0.75 -12.44 0.97
N GLY A 206 0.16 -12.27 1.94
CA GLY A 206 0.26 -11.04 2.71
C GLY A 206 -0.46 -11.05 4.06
N SER A 207 -1.14 -12.12 4.43
CA SER A 207 -1.95 -12.15 5.67
C SER A 207 -1.29 -13.03 6.74
N PRO A 208 -1.04 -12.46 7.92
CA PRO A 208 -0.59 -13.32 9.02
C PRO A 208 -1.75 -14.13 9.63
N SER A 209 -1.40 -15.06 10.51
CA SER A 209 -2.37 -16.02 11.08
C SER A 209 -3.65 -15.36 11.65
N LYS A 210 -3.45 -14.30 12.44
CA LYS A 210 -4.57 -13.67 13.14
C LYS A 210 -5.60 -13.14 12.13
N THR A 211 -5.10 -12.43 11.13
CA THR A 211 -5.93 -11.91 10.07
C THR A 211 -6.64 -13.01 9.29
N ALA A 212 -5.91 -14.07 8.96
CA ALA A 212 -6.47 -15.19 8.19
C ALA A 212 -7.62 -15.86 8.96
N GLY A 213 -7.42 -16.03 10.28
CA GLY A 213 -8.49 -16.53 11.16
C GLY A 213 -9.74 -15.68 11.16
N GLU A 214 -9.56 -14.36 11.17
CA GLU A 214 -10.68 -13.43 11.14
C GLU A 214 -11.42 -13.49 9.81
N VAL A 215 -10.68 -13.61 8.70
CA VAL A 215 -11.33 -13.75 7.41
C VAL A 215 -12.12 -15.08 7.35
N GLY A 216 -11.50 -16.15 7.83
CA GLY A 216 -12.13 -17.46 7.85
C GLY A 216 -13.41 -17.45 8.66
N GLU A 217 -13.38 -16.80 9.82
CA GLU A 217 -14.56 -16.67 10.69
C GLU A 217 -15.69 -15.83 10.05
N ARG A 218 -15.32 -14.74 9.39
CA ARG A 218 -16.30 -13.93 8.68
C ARG A 218 -17.04 -14.77 7.62
N ILE A 219 -16.28 -15.56 6.88
CA ILE A 219 -16.85 -16.43 5.87
C ILE A 219 -17.72 -17.51 6.54
N ARG A 220 -17.22 -18.16 7.58
CA ARG A 220 -18.02 -19.16 8.32
C ARG A 220 -19.39 -18.62 8.75
N GLN A 221 -19.42 -17.45 9.37
CA GLN A 221 -20.70 -16.86 9.84
C GLN A 221 -21.62 -16.45 8.71
N THR A 222 -21.06 -15.90 7.62
CA THR A 222 -21.89 -15.50 6.48
C THR A 222 -22.55 -16.74 5.82
N ILE A 223 -21.76 -17.80 5.65
CA ILE A 223 -22.28 -19.07 5.10
C ILE A 223 -23.37 -19.66 6.01
N GLU A 224 -23.11 -19.72 7.32
CA GLU A 224 -24.12 -20.17 8.32
C GLU A 224 -25.47 -19.44 8.20
N ALA A 225 -25.41 -18.13 7.95
CA ALA A 225 -26.61 -17.30 7.85
C ALA A 225 -27.26 -17.31 6.46
N HIS A 226 -26.58 -17.82 5.43
CA HIS A 226 -27.11 -17.79 4.06
C HIS A 226 -28.13 -18.89 3.82
N ASP A 227 -29.20 -18.54 3.11
CA ASP A 227 -30.26 -19.47 2.76
CA ASP A 227 -30.27 -19.48 2.75
C ASP A 227 -29.90 -20.24 1.47
N PHE A 228 -29.53 -21.49 1.63
CA PHE A 228 -29.29 -22.39 0.49
C PHE A 228 -30.61 -23.09 0.12
N THR A 229 -31.26 -22.63 -0.96
CA THR A 229 -32.50 -23.26 -1.48
C THR A 229 -32.23 -24.07 -2.74
N PHE A 230 -32.40 -25.40 -2.66
CA PHE A 230 -32.30 -26.28 -3.84
C PHE A 230 -33.67 -26.83 -4.19
N GLU A 231 -34.18 -26.44 -5.35
CA GLU A 231 -35.48 -26.93 -5.86
C GLU A 231 -36.58 -26.71 -4.80
N GLY A 232 -36.68 -25.47 -4.32
CA GLY A 232 -37.66 -25.06 -3.31
C GLY A 232 -37.47 -25.51 -1.86
N LYS A 233 -36.43 -26.30 -1.59
CA LYS A 233 -36.15 -26.86 -0.26
C LYS A 233 -34.93 -26.17 0.36
N LYS A 234 -35.05 -25.76 1.63
CA LYS A 234 -33.95 -25.13 2.35
C LYS A 234 -32.98 -26.18 2.90
N ILE A 235 -31.69 -26.08 2.54
CA ILE A 235 -30.68 -27.02 2.99
C ILE A 235 -29.88 -26.31 4.07
N PRO A 236 -29.77 -26.91 5.27
CA PRO A 236 -28.91 -26.30 6.29
C PRO A 236 -27.44 -26.51 5.93
N VAL A 237 -26.68 -25.41 5.87
CA VAL A 237 -25.26 -25.50 5.54
C VAL A 237 -24.47 -24.77 6.61
N THR A 238 -23.51 -25.49 7.20
CA THR A 238 -22.44 -24.87 7.97
C THR A 238 -21.11 -25.43 7.49
N ILE A 239 -20.05 -24.69 7.78
CA ILE A 239 -18.70 -25.09 7.45
C ILE A 239 -17.80 -25.08 8.66
N SER A 240 -16.79 -25.96 8.64
CA SER A 240 -15.70 -25.96 9.61
C SER A 240 -14.47 -25.38 8.94
N VAL A 241 -13.60 -24.74 9.70
CA VAL A 241 -12.52 -23.91 9.15
C VAL A 241 -11.19 -24.25 9.81
N GLY A 242 -10.12 -24.28 9.02
CA GLY A 242 -8.78 -24.45 9.55
C GLY A 242 -7.85 -23.43 8.91
N VAL A 243 -6.90 -22.91 9.69
CA VAL A 243 -6.01 -21.85 9.22
C VAL A 243 -4.56 -22.23 9.52
N ALA A 244 -3.67 -21.97 8.56
CA ALA A 244 -2.24 -22.05 8.81
C ALA A 244 -1.48 -20.99 8.04
N THR A 245 -0.27 -20.70 8.52
CA THR A 245 0.58 -19.68 7.95
C THR A 245 1.94 -20.32 7.62
N LYS A 246 2.39 -20.09 6.38
CA LYS A 246 3.62 -20.75 5.89
C LYS A 246 4.79 -20.56 6.88
N LEU A 247 5.46 -21.65 7.21
CA LEU A 247 6.68 -21.62 8.01
C LEU A 247 7.92 -21.57 7.13
N PRO A 248 9.04 -21.03 7.65
CA PRO A 248 10.28 -20.91 6.85
C PRO A 248 10.74 -22.20 6.19
N ASN A 249 10.63 -23.34 6.89
CA ASN A 249 11.11 -24.63 6.35
C ASN A 249 10.21 -25.31 5.30
N GLU A 250 9.04 -24.74 5.03
CA GLU A 250 8.08 -25.34 4.10
C GLU A 250 8.39 -24.91 2.67
N THR A 251 8.43 -25.87 1.76
CA THR A 251 8.77 -25.62 0.33
C THR A 251 7.66 -25.95 -0.67
N GLU A 252 6.64 -26.70 -0.25
CA GLU A 252 5.46 -26.99 -1.08
C GLU A 252 4.21 -26.46 -0.38
N TRP A 253 3.28 -25.90 -1.15
CA TRP A 253 2.06 -25.32 -0.58
C TRP A 253 1.20 -26.34 0.16
N THR A 254 1.25 -27.61 -0.26
CA THR A 254 0.47 -28.66 0.40
C THR A 254 0.93 -28.90 1.86
N GLN A 255 2.15 -28.52 2.20
CA GLN A 255 2.61 -28.58 3.58
C GLN A 255 1.86 -27.60 4.46
N VAL A 256 1.53 -26.43 3.91
CA VAL A 256 0.75 -25.43 4.63
C VAL A 256 -0.69 -25.92 4.71
N TYR A 257 -1.20 -26.43 3.60
CA TYR A 257 -2.53 -27.03 3.58
C TYR A 257 -2.65 -28.14 4.65
N ASP A 258 -1.67 -29.03 4.74
CA ASP A 258 -1.73 -30.16 5.69
C ASP A 258 -1.94 -29.69 7.12
N ARG A 259 -1.24 -28.63 7.51
CA ARG A 259 -1.40 -28.08 8.86
C ARG A 259 -2.75 -27.39 9.04
N ALA A 260 -3.21 -26.67 8.02
CA ALA A 260 -4.54 -26.05 8.03
C ALA A 260 -5.63 -27.11 8.15
N ASP A 261 -5.44 -28.23 7.46
CA ASP A 261 -6.40 -29.31 7.46
C ASP A 261 -6.47 -30.02 8.82
N LYS A 262 -5.32 -30.15 9.46
CA LYS A 262 -5.26 -30.70 10.83
C LYS A 262 -6.02 -29.79 11.79
N ALA A 263 -5.83 -28.47 11.63
CA ALA A 263 -6.61 -27.51 12.42
C ALA A 263 -8.12 -27.64 12.18
N LEU A 264 -8.49 -27.79 10.91
CA LEU A 264 -9.90 -27.98 10.55
C LEU A 264 -10.50 -29.19 11.25
N TYR A 265 -9.80 -30.31 11.22
CA TYR A 265 -10.36 -31.49 11.83
C TYR A 265 -10.38 -31.41 13.36
N GLN A 266 -9.46 -30.65 13.97
CA GLN A 266 -9.65 -30.24 15.38
C GLN A 266 -10.94 -29.42 15.61
N SER A 267 -11.21 -28.50 14.69
CA SER A 267 -12.51 -27.77 14.68
C SER A 267 -13.73 -28.73 14.58
N LYS A 268 -13.66 -29.70 13.69
CA LYS A 268 -14.74 -30.67 13.49
C LYS A 268 -14.96 -31.57 14.72
N GLN A 269 -13.87 -32.04 15.33
CA GLN A 269 -13.95 -32.89 16.53
C GLN A 269 -14.30 -32.08 17.79
N GLY A 270 -14.24 -30.75 17.71
CA GLY A 270 -14.82 -29.87 18.74
C GLY A 270 -16.28 -29.45 18.54
N GLY A 271 -17.01 -30.08 17.61
CA GLY A 271 -18.43 -29.77 17.38
C GLY A 271 -18.80 -29.06 16.08
N ARG A 272 -17.81 -28.84 15.21
CA ARG A 272 -18.07 -28.36 13.83
C ARG A 272 -18.61 -26.93 13.84
N ASN A 273 -18.84 -26.37 12.65
CA ASN A 273 -19.31 -24.99 12.52
C ASN A 273 -18.47 -24.05 13.38
N ARG A 274 -17.15 -24.15 13.22
CA ARG A 274 -16.20 -23.29 13.94
C ARG A 274 -14.85 -23.25 13.23
N THR A 275 -14.00 -22.32 13.68
CA THR A 275 -12.69 -22.04 13.12
C THR A 275 -11.59 -22.44 14.10
N THR A 276 -10.51 -23.08 13.63
CA THR A 276 -9.30 -23.23 14.48
C THR A 276 -8.03 -22.86 13.70
N ILE A 277 -7.12 -22.23 14.43
CA ILE A 277 -5.85 -21.75 13.90
C ILE A 277 -4.75 -22.64 14.48
N VAL A 278 -3.71 -22.93 13.69
CA VAL A 278 -2.33 -23.38 14.13
C VAL A 278 -1.87 -24.57 13.29
N VAL B 1 33.79 4.67 13.01
CA VAL B 1 33.13 6.02 13.09
C VAL B 1 32.87 6.56 11.66
N PRO B 2 31.59 6.73 11.29
CA PRO B 2 31.28 6.84 9.87
C PRO B 2 31.71 8.17 9.23
N PRO B 3 31.84 8.19 7.89
CA PRO B 3 32.00 9.49 7.23
C PRO B 3 30.81 10.41 7.51
N ALA B 4 30.99 11.71 7.30
CA ALA B 4 29.90 12.67 7.49
C ALA B 4 29.99 13.85 6.53
N ILE B 5 28.91 14.62 6.48
CA ILE B 5 28.95 15.96 5.87
C ILE B 5 28.65 16.98 6.95
N VAL B 6 29.35 18.10 6.89
CA VAL B 6 29.21 19.17 7.86
C VAL B 6 28.77 20.41 7.13
N VAL B 7 27.83 21.13 7.69
CA VAL B 7 27.33 22.35 7.08
C VAL B 7 28.33 23.50 7.32
N LEU B 8 28.83 24.07 6.23
CA LEU B 8 29.74 25.22 6.30
C LEU B 8 28.99 26.53 6.28
N ILE B 9 28.02 26.65 5.36
CA ILE B 9 27.11 27.80 5.33
C ILE B 9 25.73 27.27 5.02
N GLY B 10 24.73 27.88 5.65
CA GLY B 10 23.33 27.47 5.50
C GLY B 10 22.44 28.32 6.38
N PRO B 11 21.15 27.95 6.48
CA PRO B 11 20.26 28.77 7.31
C PRO B 11 20.69 28.79 8.78
N PRO B 12 20.20 29.80 9.52
CA PRO B 12 20.62 29.91 10.92
C PRO B 12 20.22 28.67 11.72
N GLY B 13 21.16 28.17 12.51
CA GLY B 13 20.99 26.96 13.28
C GLY B 13 21.62 25.74 12.65
N TYR B 14 22.01 25.80 11.37
CA TYR B 14 22.53 24.61 10.67
C TYR B 14 24.05 24.53 10.63
N VAL B 15 24.73 25.69 10.72
CA VAL B 15 26.17 25.71 10.51
C VAL B 15 26.83 24.91 11.61
N GLY B 16 27.75 24.04 11.21
CA GLY B 16 28.42 23.13 12.12
C GLY B 16 27.71 21.81 12.35
N LYS B 17 26.46 21.68 11.92
CA LYS B 17 25.73 20.42 12.06
C LYS B 17 26.35 19.38 11.15
N GLN B 18 26.54 18.17 11.70
CA GLN B 18 27.12 17.05 10.97
C GLN B 18 26.04 15.98 10.74
N TYR B 19 26.03 15.41 9.54
CA TYR B 19 25.08 14.36 9.19
C TYR B 19 25.90 13.14 8.83
N PRO B 20 25.80 12.08 9.65
CA PRO B 20 26.57 10.88 9.33
C PRO B 20 26.09 10.22 8.04
N ILE B 21 27.01 9.78 7.19
CA ILE B 21 26.67 9.05 5.97
C ILE B 21 26.92 7.57 6.27
N THR B 22 25.97 6.98 6.99
CA THR B 22 26.08 5.65 7.61
C THR B 22 25.54 4.54 6.70
N ALA B 23 24.77 4.90 5.67
CA ALA B 23 24.25 3.92 4.75
C ALA B 23 23.86 4.59 3.45
N SER B 24 23.43 3.78 2.48
CA SER B 24 22.85 4.33 1.27
C SER B 24 21.45 4.89 1.58
N ASP B 25 21.00 5.75 0.70
CA ASP B 25 19.60 6.31 0.70
C ASP B 25 19.46 7.51 1.64
N ILE B 26 20.57 8.18 1.89
CA ILE B 26 20.56 9.43 2.63
C ILE B 26 20.38 10.53 1.60
N VAL B 27 19.29 11.29 1.73
CA VAL B 27 18.90 12.34 0.78
C VAL B 27 19.05 13.72 1.42
N ILE B 28 19.63 14.66 0.69
CA ILE B 28 19.69 16.06 1.03
C ILE B 28 18.52 16.69 0.31
N GLY B 29 17.69 17.42 1.02
CA GLY B 29 16.59 18.13 0.41
C GLY B 29 15.82 18.95 1.39
N ARG B 30 14.90 19.76 0.87
CA ARG B 30 14.01 20.53 1.74
C ARG B 30 12.71 19.83 2.12
N SER B 31 12.48 18.63 1.61
N SER B 31 12.51 18.61 1.66
CA SER B 31 11.39 17.78 2.11
CA SER B 31 11.40 17.79 2.15
C SER B 31 11.71 17.27 3.52
C SER B 31 11.72 17.24 3.53
N VAL B 32 10.70 17.26 4.40
CA VAL B 32 10.84 16.75 5.77
C VAL B 32 11.31 15.31 5.86
N GLU B 33 10.99 14.48 4.86
CA GLU B 33 11.39 13.08 4.91
C GLU B 33 12.88 12.88 4.63
N SER B 34 13.56 13.91 4.11
CA SER B 34 14.98 13.86 3.87
C SER B 34 15.76 13.61 5.17
N GLN B 35 16.70 12.67 5.11
CA GLN B 35 17.62 12.43 6.21
C GLN B 35 18.50 13.66 6.49
N VAL B 36 18.89 14.37 5.44
CA VAL B 36 19.57 15.65 5.58
C VAL B 36 18.57 16.70 5.13
N TYR B 37 17.69 17.03 6.05
CA TYR B 37 16.63 18.01 5.85
C TYR B 37 17.16 19.40 6.14
N ILE B 38 17.17 20.25 5.12
CA ILE B 38 17.60 21.64 5.26
C ILE B 38 16.45 22.51 4.81
N ASP B 39 15.96 23.33 5.72
CA ASP B 39 14.84 24.23 5.45
C ASP B 39 15.32 25.46 4.69
N ASP B 40 15.54 25.29 3.39
CA ASP B 40 16.03 26.36 2.53
C ASP B 40 15.40 26.24 1.16
N LYS B 41 14.78 27.32 0.70
CA LYS B 41 14.04 27.31 -0.56
C LYS B 41 14.94 27.09 -1.79
N SER B 42 16.25 27.33 -1.68
CA SER B 42 17.18 27.08 -2.78
C SER B 42 17.47 25.59 -3.02
N LEU B 43 17.10 24.73 -2.09
CA LEU B 43 17.18 23.28 -2.30
C LEU B 43 15.90 22.74 -2.89
N SER B 44 16.02 21.78 -3.80
CA SER B 44 14.91 20.95 -4.23
C SER B 44 14.43 20.08 -3.09
N ARG B 45 13.21 19.59 -3.22
CA ARG B 45 12.61 18.73 -2.19
C ARG B 45 13.46 17.48 -1.98
N SER B 46 13.90 16.88 -3.11
CA SER B 46 14.95 15.86 -3.11
C SER B 46 16.04 16.37 -4.06
N HIS B 47 17.15 16.80 -3.46
CA HIS B 47 18.18 17.55 -4.19
C HIS B 47 19.33 16.64 -4.64
N ALA B 48 19.89 15.90 -3.69
CA ALA B 48 20.97 14.96 -3.95
C ALA B 48 20.90 13.80 -2.98
N LYS B 49 21.54 12.70 -3.29
CA LYS B 49 21.60 11.56 -2.36
C LYS B 49 22.94 10.90 -2.40
N PHE B 50 23.21 10.09 -1.38
CA PHE B 50 24.49 9.42 -1.25
C PHE B 50 24.40 7.94 -1.62
N ALA B 51 25.48 7.39 -2.16
CA ALA B 51 25.61 5.96 -2.41
C ALA B 51 26.87 5.52 -1.68
N VAL B 52 26.75 4.46 -0.89
CA VAL B 52 27.88 3.95 -0.11
C VAL B 52 28.20 2.55 -0.60
N ASN B 53 29.45 2.35 -1.03
CA ASN B 53 29.95 1.06 -1.52
C ASN B 53 31.21 0.80 -0.67
N GLY B 54 30.99 0.21 0.50
CA GLY B 54 32.06 -0.03 1.48
C GLY B 54 32.58 1.27 2.04
N SER B 55 33.84 1.61 1.74
CA SER B 55 34.45 2.87 2.18
C SER B 55 34.31 3.97 1.12
N GLU B 56 33.79 3.65 -0.06
CA GLU B 56 33.57 4.65 -1.12
C GLU B 56 32.19 5.31 -0.97
N VAL B 57 32.19 6.63 -0.76
CA VAL B 57 30.97 7.40 -0.66
C VAL B 57 30.89 8.31 -1.88
N SER B 58 29.76 8.24 -2.58
CA SER B 58 29.50 9.09 -3.75
C SER B 58 28.21 9.88 -3.54
N VAL B 59 28.13 11.03 -4.22
CA VAL B 59 26.92 11.86 -4.20
C VAL B 59 26.34 11.86 -5.62
N ILE B 60 25.01 11.84 -5.69
CA ILE B 60 24.26 11.75 -6.94
C ILE B 60 23.30 12.92 -6.97
N ASP B 61 23.32 13.71 -8.05
CA ASP B 61 22.36 14.81 -8.19
C ASP B 61 21.04 14.23 -8.67
N LEU B 62 19.94 14.73 -8.10
CA LEU B 62 18.61 14.21 -8.41
C LEU B 62 17.81 15.20 -9.27
N GLY B 63 18.47 15.79 -10.27
CA GLY B 63 17.80 16.71 -11.17
C GLY B 63 17.41 18.01 -10.53
N SER B 64 18.27 18.54 -9.68
CA SER B 64 17.94 19.72 -8.86
C SER B 64 18.03 20.97 -9.70
N THR B 65 17.16 21.93 -9.41
CA THR B 65 17.08 23.18 -10.10
C THR B 65 18.41 23.97 -9.99
N ASN B 66 18.90 24.12 -8.76
CA ASN B 66 20.10 24.93 -8.51
C ASN B 66 21.39 24.11 -8.46
N LYS B 67 21.29 22.81 -8.84
CA LYS B 67 22.44 21.93 -9.09
C LYS B 67 23.11 21.41 -7.83
N THR B 68 23.87 20.34 -8.02
CA THR B 68 24.80 19.82 -7.02
C THR B 68 26.18 20.04 -7.60
N ILE B 69 27.02 20.74 -6.83
CA ILE B 69 28.31 21.20 -7.31
C ILE B 69 29.36 20.74 -6.31
N VAL B 70 30.31 19.96 -6.80
CA VAL B 70 31.39 19.43 -5.96
C VAL B 70 32.71 20.08 -6.37
N ASN B 71 33.32 20.81 -5.44
CA ASN B 71 34.54 21.59 -5.69
C ASN B 71 34.43 22.44 -6.95
N GLY B 72 33.30 23.12 -7.12
CA GLY B 72 33.10 23.95 -8.31
C GLY B 72 32.67 23.29 -9.60
N GLN B 73 32.59 21.96 -9.65
CA GLN B 73 32.12 21.23 -10.84
C GLN B 73 30.67 20.74 -10.70
N VAL B 74 29.82 21.14 -11.66
CA VAL B 74 28.40 20.77 -11.67
C VAL B 74 28.28 19.28 -11.93
N ILE B 75 27.46 18.59 -11.15
CA ILE B 75 27.21 17.17 -11.41
C ILE B 75 25.89 17.06 -12.18
N PRO B 76 25.92 16.48 -13.41
CA PRO B 76 24.68 16.39 -14.18
C PRO B 76 23.63 15.53 -13.48
N PRO B 77 22.35 15.71 -13.82
CA PRO B 77 21.30 14.88 -13.22
C PRO B 77 21.58 13.39 -13.34
N LEU B 78 21.45 12.70 -12.22
CA LEU B 78 21.61 11.26 -12.10
C LEU B 78 23.04 10.73 -12.24
N ALA B 79 24.02 11.62 -12.44
CA ALA B 79 25.42 11.25 -12.44
C ALA B 79 25.89 11.28 -10.99
N SER B 80 27.00 10.60 -10.75
CA SER B 80 27.59 10.58 -9.43
C SER B 80 29.00 11.14 -9.44
N CYS B 81 29.45 11.47 -8.24
CA CYS B 81 30.82 11.93 -7.97
C CYS B 81 31.31 11.20 -6.73
N LEU B 82 32.41 10.46 -6.87
CA LEU B 82 33.10 9.84 -5.74
C LEU B 82 33.74 10.94 -4.89
N LEU B 83 33.43 10.94 -3.59
CA LEU B 83 33.92 11.97 -2.67
C LEU B 83 35.21 11.57 -1.98
N LYS B 84 36.01 12.58 -1.63
CA LYS B 84 37.20 12.39 -0.81
C LYS B 84 37.23 13.49 0.25
N ASN B 85 38.04 13.24 1.28
CA ASN B 85 38.12 14.11 2.44
C ASN B 85 38.29 15.57 2.03
N ASN B 86 37.50 16.42 2.68
CA ASN B 86 37.49 17.89 2.50
C ASN B 86 36.84 18.40 1.21
N ASP B 87 36.25 17.53 0.39
CA ASP B 87 35.48 17.99 -0.76
C ASP B 87 34.33 18.88 -0.29
N GLN B 88 34.04 19.92 -1.06
CA GLN B 88 32.90 20.79 -0.77
C GLN B 88 31.77 20.50 -1.72
N ILE B 89 30.57 20.38 -1.15
CA ILE B 89 29.36 20.06 -1.88
C ILE B 89 28.42 21.24 -1.72
N LYS B 90 28.06 21.86 -2.83
CA LYS B 90 27.16 23.02 -2.83
C LYS B 90 25.85 22.64 -3.45
N THR B 91 24.79 22.77 -2.66
CA THR B 91 23.43 22.47 -3.09
C THR B 91 22.63 23.76 -2.88
N GLY B 92 22.34 24.46 -3.96
CA GLY B 92 21.75 25.80 -3.84
C GLY B 92 22.67 26.73 -3.06
N ASN B 93 22.11 27.39 -2.05
CA ASN B 93 22.87 28.34 -1.24
C ASN B 93 23.57 27.68 -0.05
N VAL B 94 23.39 26.38 0.14
CA VAL B 94 23.97 25.67 1.25
C VAL B 94 25.23 24.95 0.79
N ILE B 95 26.27 25.01 1.61
CA ILE B 95 27.51 24.35 1.32
C ILE B 95 27.90 23.43 2.46
N PHE B 96 28.25 22.20 2.10
CA PHE B 96 28.73 21.17 3.01
C PHE B 96 30.21 20.83 2.74
N LYS B 97 30.89 20.34 3.78
CA LYS B 97 32.20 19.71 3.60
C LYS B 97 32.06 18.23 3.89
N PHE B 98 32.66 17.40 3.03
CA PHE B 98 32.66 15.95 3.25
C PHE B 98 33.85 15.57 4.12
N LEU B 99 33.61 14.76 5.15
CA LEU B 99 34.66 14.31 6.06
C LEU B 99 34.71 12.77 5.98
N GLU B 100 35.88 12.23 5.64
CA GLU B 100 36.07 10.77 5.64
C GLU B 100 35.79 10.18 7.00
N LYS B 101 36.10 10.93 8.06
CA LYS B 101 35.74 10.59 9.46
C LYS B 101 35.05 11.81 10.12
N GLY B 102 33.78 11.66 10.48
CA GLY B 102 33.07 12.69 11.25
C GLY B 102 33.33 12.58 12.73
N SER B 103 32.95 13.60 13.50
CA SER B 103 32.98 13.50 14.96
C SER B 103 31.71 12.80 15.46
N TYR B 113 15.32 13.00 14.45
CA TYR B 113 13.92 13.47 14.72
C TYR B 113 12.85 12.56 14.08
N ASP B 114 11.60 12.72 14.51
CA ASP B 114 10.47 11.94 13.99
C ASP B 114 10.08 12.39 12.57
N ARG B 115 10.08 11.49 11.58
CA ARG B 115 9.64 11.78 10.19
C ARG B 115 8.27 11.19 9.83
N ALA B 116 7.47 10.74 10.81
CA ALA B 116 6.20 10.05 10.54
C ALA B 116 5.14 10.97 9.95
N GLN B 117 5.21 12.26 10.30
CA GLN B 117 4.28 13.30 9.82
C GLN B 117 2.84 12.96 10.25
N LYS B 118 2.74 12.67 11.56
CA LYS B 118 1.47 12.24 12.18
C LYS B 118 1.01 13.32 13.15
N ASP B 119 -0.31 13.52 13.15
CA ASP B 119 -0.99 14.43 14.08
C ASP B 119 -0.83 13.96 15.54
N ALA B 120 -0.44 14.88 16.42
CA ALA B 120 -0.14 14.54 17.84
C ALA B 120 -1.37 14.02 18.57
N LEU B 121 -2.50 14.70 18.39
CA LEU B 121 -3.75 14.27 19.07
C LEU B 121 -4.23 12.92 18.53
N THR B 122 -4.44 12.85 17.20
CA THR B 122 -5.26 11.79 16.61
C THR B 122 -4.50 10.61 15.98
N GLY B 123 -3.24 10.79 15.65
CA GLY B 123 -2.49 9.77 14.92
C GLY B 123 -2.81 9.69 13.44
N ALA B 124 -3.70 10.53 12.93
CA ALA B 124 -3.91 10.64 11.47
C ALA B 124 -2.69 11.29 10.85
N HIS B 125 -2.53 11.14 9.54
CA HIS B 125 -1.52 11.92 8.83
C HIS B 125 -1.80 13.42 8.97
N SER B 126 -0.72 14.20 8.96
CA SER B 126 -0.80 15.65 9.06
C SER B 126 -1.21 16.25 7.72
N LYS B 127 -1.57 17.52 7.75
CA LYS B 127 -1.88 18.31 6.55
C LYS B 127 -0.69 18.35 5.57
N GLY B 128 0.53 18.47 6.11
CA GLY B 128 1.75 18.46 5.31
C GLY B 128 1.97 17.15 4.56
N ALA B 129 1.67 16.04 5.25
CA ALA B 129 1.75 14.73 4.61
C ALA B 129 0.75 14.65 3.48
N LEU B 130 -0.48 15.12 3.72
CA LEU B 130 -1.51 15.15 2.68
C LEU B 130 -1.09 15.97 1.47
N LEU B 131 -0.44 17.10 1.72
CA LEU B 131 0.05 17.97 0.64
C LEU B 131 1.09 17.29 -0.25
N ASP B 132 1.79 16.30 0.28
CA ASP B 132 2.73 15.47 -0.49
C ASP B 132 2.02 14.29 -1.16
N LYS B 133 1.09 13.66 -0.44
CA LYS B 133 0.41 12.47 -0.92
C LYS B 133 -0.56 12.73 -2.09
N GLY B 134 -1.17 13.91 -2.09
CA GLY B 134 -2.11 14.27 -3.12
C GLY B 134 -1.58 14.20 -4.55
N PRO B 135 -0.44 14.85 -4.81
CA PRO B 135 0.17 14.69 -6.15
C PRO B 135 0.48 13.22 -6.50
N GLU B 136 0.90 12.44 -5.52
CA GLU B 136 1.18 11.01 -5.75
C GLU B 136 -0.07 10.25 -6.18
N ALA B 137 -1.20 10.57 -5.55
CA ALA B 137 -2.47 9.94 -5.89
C ALA B 137 -2.94 10.33 -7.31
N MET B 138 -2.72 11.60 -7.67
CA MET B 138 -3.07 12.06 -9.02
C MET B 138 -2.21 11.38 -10.07
N LYS B 139 -0.90 11.26 -9.81
CA LYS B 139 0.04 10.58 -10.73
C LYS B 139 -0.35 9.11 -10.89
N ARG B 140 -0.68 8.44 -9.79
CA ARG B 140 -1.08 7.05 -9.85
C ARG B 140 -2.36 6.86 -10.70
N ALA B 141 -3.36 7.70 -10.43
CA ALA B 141 -4.60 7.65 -11.22
C ALA B 141 -4.33 7.82 -12.73
N GLU B 142 -3.47 8.77 -13.08
CA GLU B 142 -3.11 9.04 -14.49
C GLU B 142 -2.34 7.90 -15.14
N VAL B 143 -1.33 7.38 -14.46
CA VAL B 143 -0.51 6.32 -15.08
C VAL B 143 -1.27 5.00 -15.19
N LEU B 144 -2.16 4.71 -14.23
CA LEU B 144 -2.93 3.45 -14.26
C LEU B 144 -4.30 3.56 -14.92
N ASN B 145 -4.70 4.78 -15.29
CA ASN B 145 -6.04 5.06 -15.80
C ASN B 145 -7.12 4.51 -14.84
N GLU B 146 -6.94 4.82 -13.56
CA GLU B 146 -7.73 4.24 -12.48
C GLU B 146 -8.44 5.33 -11.73
N PRO B 147 -9.71 5.08 -11.34
CA PRO B 147 -10.40 6.11 -10.56
C PRO B 147 -9.70 6.47 -9.24
N PHE B 148 -9.75 7.73 -8.88
CA PHE B 148 -9.32 8.20 -7.55
C PHE B 148 -10.48 8.93 -6.84
N SER B 149 -10.90 8.49 -5.66
CA SER B 149 -11.94 9.20 -4.89
C SER B 149 -11.41 9.82 -3.59
N LEU B 150 -12.08 10.87 -3.14
CA LEU B 150 -11.75 11.60 -1.93
C LEU B 150 -13.03 11.77 -1.10
N VAL B 151 -12.94 11.42 0.19
CA VAL B 151 -14.03 11.57 1.15
C VAL B 151 -13.55 12.58 2.18
N THR B 152 -14.35 13.61 2.45
CA THR B 152 -14.00 14.59 3.46
C THR B 152 -15.12 14.66 4.50
N PHE B 153 -14.77 14.90 5.75
CA PHE B 153 -15.80 15.05 6.76
C PHE B 153 -15.40 15.92 7.91
N ASP B 154 -16.41 16.45 8.59
CA ASP B 154 -16.13 17.09 9.86
C ASP B 154 -17.19 16.78 10.88
N ILE B 155 -16.80 17.01 12.11
CA ILE B 155 -17.65 16.66 13.26
C ILE B 155 -18.73 17.72 13.39
N ASP B 156 -19.98 17.30 13.49
CA ASP B 156 -21.09 18.22 13.65
C ASP B 156 -21.11 18.85 15.06
N HIS B 157 -21.34 20.16 15.09
CA HIS B 157 -21.56 20.90 16.32
C HIS B 157 -20.39 20.74 17.29
N PHE B 158 -19.19 20.84 16.73
CA PHE B 158 -17.98 20.61 17.51
C PHE B 158 -17.80 21.68 18.59
N LYS B 159 -18.08 22.93 18.26
CA LYS B 159 -18.07 24.02 19.26
C LYS B 159 -18.95 23.69 20.46
N LYS B 160 -20.14 23.16 20.22
CA LYS B 160 -21.04 22.74 21.32
C LYS B 160 -20.44 21.63 22.19
N ILE B 161 -19.72 20.69 21.59
CA ILE B 161 -19.05 19.63 22.35
C ILE B 161 -17.99 20.24 23.27
N ASN B 162 -17.18 21.16 22.72
CA ASN B 162 -16.18 21.85 23.53
C ASN B 162 -16.80 22.67 24.66
N ASP B 163 -17.85 23.43 24.35
CA ASP B 163 -18.54 24.24 25.37
C ASP B 163 -19.12 23.36 26.48
N SER B 164 -19.71 22.23 26.10
CA SER B 164 -20.44 21.38 27.05
C SER B 164 -19.52 20.50 27.89
N TYR B 165 -18.48 19.93 27.27
CA TYR B 165 -17.60 18.96 27.94
C TYR B 165 -16.17 19.45 28.12
N GLY B 166 -15.89 20.69 27.77
CA GLY B 166 -14.52 21.21 27.78
C GLY B 166 -13.70 20.80 26.57
N HIS B 167 -12.65 21.56 26.29
CA HIS B 167 -11.71 21.23 25.22
C HIS B 167 -11.12 19.81 25.32
N PRO B 168 -10.81 19.35 26.55
CA PRO B 168 -10.40 17.95 26.66
C PRO B 168 -11.48 16.95 26.20
N GLY B 169 -12.76 17.30 26.31
CA GLY B 169 -13.86 16.47 25.78
C GLY B 169 -13.86 16.40 24.27
N GLY B 170 -13.75 17.54 23.61
CA GLY B 170 -13.59 17.59 22.16
C GLY B 170 -12.33 16.86 21.70
N ASP B 171 -11.22 17.03 22.41
CA ASP B 171 -9.98 16.27 22.15
C ASP B 171 -10.23 14.77 22.21
N TYR B 172 -10.91 14.30 23.28
CA TYR B 172 -11.29 12.90 23.41
C TYR B 172 -12.07 12.44 22.15
N VAL B 173 -13.04 13.24 21.73
CA VAL B 173 -13.89 12.88 20.58
C VAL B 173 -13.05 12.77 19.30
N LEU B 174 -12.21 13.76 19.04
CA LEU B 174 -11.34 13.71 17.83
C LEU B 174 -10.45 12.48 17.85
N LYS B 175 -9.80 12.24 18.97
CA LYS B 175 -8.88 11.11 19.12
C LYS B 175 -9.62 9.77 19.00
N GLU B 176 -10.78 9.64 19.62
CA GLU B 176 -11.54 8.39 19.60
C GLU B 176 -12.14 8.12 18.21
N LEU B 177 -12.67 9.16 17.59
CA LEU B 177 -13.21 9.05 16.23
C LEU B 177 -12.11 8.55 15.28
N CYS B 178 -10.94 9.18 15.36
CA CYS B 178 -9.81 8.77 14.50
C CYS B 178 -9.34 7.37 14.84
N ARG B 179 -9.36 6.95 16.09
CA ARG B 179 -9.03 5.56 16.46
C ARG B 179 -9.95 4.58 15.75
N ILE B 180 -11.25 4.84 15.79
CA ILE B 180 -12.22 3.97 15.12
C ILE B 180 -11.98 3.94 13.60
N VAL B 181 -11.86 5.10 12.99
CA VAL B 181 -11.68 5.19 11.54
C VAL B 181 -10.41 4.40 11.13
N ILE B 182 -9.27 4.73 11.74
CA ILE B 182 -7.98 4.18 11.35
C ILE B 182 -7.87 2.69 11.63
N THR B 183 -8.30 2.26 12.80
CA THR B 183 -8.09 0.87 13.21
C THR B 183 -9.22 -0.06 12.80
N LYS B 184 -10.42 0.45 12.51
CA LYS B 184 -11.58 -0.43 12.23
C LYS B 184 -12.27 -0.27 10.87
N LEU B 185 -12.19 0.92 10.24
CA LEU B 185 -13.06 1.23 9.10
C LEU B 185 -12.41 1.37 7.72
N ILE B 186 -11.10 1.63 7.68
CA ILE B 186 -10.39 1.84 6.41
C ILE B 186 -9.23 0.88 6.31
N ARG B 187 -8.77 0.64 5.09
CA ARG B 187 -7.63 -0.24 4.89
C ARG B 187 -6.35 0.46 5.31
N SER B 188 -5.38 -0.33 5.76
CA SER B 188 -4.12 0.21 6.28
C SER B 188 -3.37 1.08 5.26
N ASN B 189 -3.53 0.80 3.97
CA ASN B 189 -2.95 1.65 2.91
C ASN B 189 -3.84 2.78 2.39
N ASP B 190 -5.06 2.90 2.89
CA ASP B 190 -5.89 4.08 2.62
C ASP B 190 -5.33 5.21 3.45
N PHE B 191 -5.30 6.41 2.86
CA PHE B 191 -4.58 7.53 3.45
C PHE B 191 -5.58 8.48 4.06
N PHE B 192 -5.45 8.68 5.37
CA PHE B 192 -6.38 9.44 6.18
C PHE B 192 -5.59 10.51 6.92
N ALA B 193 -6.03 11.75 6.76
CA ALA B 193 -5.32 12.92 7.26
C ALA B 193 -6.25 13.98 7.84
N ARG B 194 -5.71 14.70 8.81
CA ARG B 194 -6.35 15.91 9.32
C ARG B 194 -6.03 17.02 8.34
N TYR B 195 -7.00 17.86 7.98
CA TYR B 195 -6.76 18.91 6.99
C TYR B 195 -7.20 20.29 7.49
N GLY B 196 -6.62 20.67 8.60
CA GLY B 196 -7.03 21.89 9.33
C GLY B 196 -8.24 21.64 10.22
N GLY B 197 -8.23 22.22 11.42
CA GLY B 197 -9.38 22.24 12.32
C GLY B 197 -9.89 20.89 12.80
N GLU B 198 -11.15 20.61 12.50
CA GLU B 198 -11.73 19.29 12.70
C GLU B 198 -12.22 18.66 11.38
N GLU B 199 -11.52 18.98 10.31
CA GLU B 199 -11.80 18.40 8.98
C GLU B 199 -10.80 17.27 8.73
N PHE B 200 -11.31 16.21 8.12
CA PHE B 200 -10.50 15.06 7.79
C PHE B 200 -10.72 14.70 6.33
N VAL B 201 -9.66 14.17 5.72
CA VAL B 201 -9.64 13.78 4.33
C VAL B 201 -9.18 12.32 4.23
N LEU B 202 -9.92 11.53 3.46
CA LEU B 202 -9.61 10.14 3.17
C LEU B 202 -9.40 10.01 1.65
N LEU B 203 -8.24 9.54 1.25
CA LEU B 203 -7.93 9.29 -0.16
C LEU B 203 -8.12 7.81 -0.48
N LEU B 204 -8.91 7.54 -1.49
CA LEU B 204 -9.20 6.18 -1.92
C LEU B 204 -8.70 5.93 -3.35
N SER B 205 -7.52 5.34 -3.42
CA SER B 205 -6.87 5.01 -4.70
C SER B 205 -7.63 3.91 -5.40
N GLY B 206 -7.96 4.13 -6.68
CA GLY B 206 -8.59 3.08 -7.50
C GLY B 206 -10.06 2.85 -7.18
N SER B 207 -10.70 3.80 -6.50
CA SER B 207 -12.06 3.63 -6.01
C SER B 207 -13.01 4.53 -6.78
N PRO B 208 -14.01 3.95 -7.46
CA PRO B 208 -15.02 4.78 -8.09
C PRO B 208 -15.98 5.41 -7.08
N SER B 209 -16.82 6.31 -7.57
CA SER B 209 -17.79 7.00 -6.74
C SER B 209 -18.63 6.08 -5.84
N LYS B 210 -19.14 5.00 -6.40
CA LYS B 210 -19.97 4.06 -5.65
C LYS B 210 -19.26 3.53 -4.38
N THR B 211 -18.05 3.05 -4.56
CA THR B 211 -17.22 2.60 -3.46
C THR B 211 -16.94 3.71 -2.43
N ALA B 212 -16.61 4.89 -2.92
CA ALA B 212 -16.29 6.02 -2.04
C ALA B 212 -17.49 6.41 -1.18
N GLY B 213 -18.67 6.41 -1.79
CA GLY B 213 -19.92 6.63 -1.07
C GLY B 213 -20.20 5.61 -0.01
N GLU B 214 -19.93 4.34 -0.32
CA GLU B 214 -20.09 3.27 0.66
C GLU B 214 -19.12 3.42 1.82
N VAL B 215 -17.88 3.79 1.56
CA VAL B 215 -16.90 3.99 2.63
C VAL B 215 -17.31 5.19 3.48
N GLY B 216 -17.73 6.26 2.84
CA GLY B 216 -18.18 7.47 3.53
C GLY B 216 -19.35 7.16 4.45
N GLU B 217 -20.30 6.40 3.94
CA GLU B 217 -21.46 5.98 4.74
C GLU B 217 -21.11 5.04 5.88
N ARG B 218 -20.18 4.11 5.66
CA ARG B 218 -19.70 3.21 6.70
C ARG B 218 -19.14 4.03 7.85
N ILE B 219 -18.33 5.05 7.54
CA ILE B 219 -17.76 5.90 8.55
C ILE B 219 -18.87 6.68 9.25
N ARG B 220 -19.75 7.32 8.47
CA ARG B 220 -20.80 8.14 9.07
C ARG B 220 -21.68 7.32 10.04
N GLN B 221 -22.12 6.15 9.57
CA GLN B 221 -23.00 5.28 10.35
C GLN B 221 -22.31 4.72 11.59
N THR B 222 -21.05 4.33 11.46
CA THR B 222 -20.32 3.76 12.58
C THR B 222 -20.13 4.82 13.66
N ILE B 223 -19.76 6.04 13.25
CA ILE B 223 -19.60 7.14 14.22
C ILE B 223 -20.92 7.46 14.92
N GLU B 224 -22.01 7.58 14.15
CA GLU B 224 -23.36 7.80 14.75
C GLU B 224 -23.72 6.77 15.82
N ALA B 225 -23.39 5.50 15.57
CA ALA B 225 -23.77 4.41 16.47
C ALA B 225 -22.77 4.18 17.61
N HIS B 226 -21.58 4.81 17.55
CA HIS B 226 -20.53 4.55 18.52
C HIS B 226 -20.79 5.33 19.79
N ASP B 227 -20.52 4.68 20.94
CA ASP B 227 -20.66 5.34 22.24
C ASP B 227 -19.38 6.10 22.57
N PHE B 228 -19.46 7.43 22.45
CA PHE B 228 -18.38 8.32 22.89
C PHE B 228 -18.67 8.64 24.36
N THR B 229 -17.95 7.96 25.24
CA THR B 229 -18.13 8.04 26.70
C THR B 229 -16.90 8.76 27.25
N PHE B 230 -17.11 9.98 27.74
CA PHE B 230 -16.05 10.83 28.26
C PHE B 230 -16.29 11.00 29.76
N GLU B 231 -15.40 10.41 30.55
CA GLU B 231 -15.51 10.34 32.00
C GLU B 231 -16.93 9.89 32.42
N GLY B 232 -17.31 8.73 31.90
CA GLY B 232 -18.60 8.09 32.24
C GLY B 232 -19.87 8.65 31.60
N LYS B 233 -19.75 9.77 30.86
CA LYS B 233 -20.89 10.51 30.27
CA LYS B 233 -20.91 10.48 30.27
C LYS B 233 -20.93 10.37 28.75
N LYS B 234 -22.12 10.18 28.19
CA LYS B 234 -22.28 9.97 26.74
C LYS B 234 -22.31 11.29 25.98
N ILE B 235 -21.42 11.45 24.99
CA ILE B 235 -21.43 12.62 24.10
C ILE B 235 -22.05 12.18 22.79
N PRO B 236 -23.12 12.88 22.34
CA PRO B 236 -23.66 12.55 21.00
C PRO B 236 -22.73 13.10 19.91
N VAL B 237 -22.28 12.22 19.03
CA VAL B 237 -21.35 12.64 17.96
C VAL B 237 -21.87 12.20 16.61
N THR B 238 -21.97 13.13 15.68
CA THR B 238 -22.23 12.79 14.27
C THR B 238 -21.25 13.55 13.39
N ILE B 239 -21.11 13.05 12.16
CA ILE B 239 -20.29 13.73 11.15
C ILE B 239 -21.10 14.01 9.88
N SER B 240 -20.71 15.08 9.20
CA SER B 240 -21.21 15.35 7.86
C SER B 240 -20.10 14.98 6.86
N VAL B 241 -20.51 14.45 5.71
CA VAL B 241 -19.58 13.80 4.79
C VAL B 241 -19.81 14.33 3.37
N GLY B 242 -18.71 14.56 2.65
CA GLY B 242 -18.78 14.90 1.22
C GLY B 242 -17.83 13.99 0.46
N VAL B 243 -18.27 13.59 -0.73
CA VAL B 243 -17.54 12.61 -1.54
C VAL B 243 -17.40 13.12 -2.96
N ALA B 244 -16.21 12.96 -3.54
CA ALA B 244 -16.01 13.23 -4.96
C ALA B 244 -15.01 12.27 -5.57
N THR B 245 -15.08 12.14 -6.89
CA THR B 245 -14.22 11.27 -7.65
C THR B 245 -13.55 12.07 -8.75
N LYS B 246 -12.25 11.90 -8.88
CA LYS B 246 -11.45 12.59 -9.91
C LYS B 246 -12.11 12.49 -11.29
N LEU B 247 -12.24 13.64 -11.92
CA LEU B 247 -12.73 13.72 -13.31
C LEU B 247 -11.54 13.70 -14.28
N PRO B 248 -11.75 13.22 -15.52
CA PRO B 248 -10.65 13.16 -16.52
C PRO B 248 -9.85 14.46 -16.69
N ASN B 249 -10.52 15.60 -16.72
CA ASN B 249 -9.86 16.91 -16.94
C ASN B 249 -9.10 17.49 -15.71
N GLU B 250 -9.21 16.85 -14.54
CA GLU B 250 -8.61 17.38 -13.33
C GLU B 250 -7.15 16.93 -13.22
N THR B 251 -6.28 17.90 -12.89
CA THR B 251 -4.83 17.68 -12.79
C THR B 251 -4.21 17.86 -11.40
N GLU B 252 -4.93 18.53 -10.49
CA GLU B 252 -4.46 18.75 -9.11
C GLU B 252 -5.47 18.15 -8.15
N TRP B 253 -4.97 17.53 -7.08
CA TRP B 253 -5.82 16.82 -6.11
C TRP B 253 -6.81 17.78 -5.42
N THR B 254 -6.41 19.05 -5.26
CA THR B 254 -7.24 20.06 -4.61
C THR B 254 -8.52 20.36 -5.39
N GLN B 255 -8.51 20.08 -6.71
CA GLN B 255 -9.72 20.21 -7.51
C GLN B 255 -10.77 19.20 -7.08
N VAL B 256 -10.32 17.98 -6.75
CA VAL B 256 -11.20 16.91 -6.30
C VAL B 256 -11.67 17.26 -4.88
N TYR B 257 -10.73 17.72 -4.06
CA TYR B 257 -11.06 18.16 -2.71
C TYR B 257 -12.14 19.24 -2.73
N ASP B 258 -11.97 20.24 -3.59
CA ASP B 258 -12.93 21.35 -3.63
C ASP B 258 -14.36 20.88 -3.91
N ARG B 259 -14.53 19.93 -4.81
CA ARG B 259 -15.86 19.37 -5.10
C ARG B 259 -16.37 18.52 -3.93
N ALA B 260 -15.51 17.75 -3.29
CA ALA B 260 -15.90 16.97 -2.10
C ALA B 260 -16.33 17.91 -0.96
N ASP B 261 -15.63 19.03 -0.82
CA ASP B 261 -15.93 20.00 0.21
C ASP B 261 -17.28 20.71 -0.05
N LYS B 262 -17.59 20.98 -1.31
CA LYS B 262 -18.91 21.50 -1.69
C LYS B 262 -20.00 20.50 -1.33
N ALA B 263 -19.75 19.22 -1.58
CA ALA B 263 -20.69 18.18 -1.15
C ALA B 263 -20.85 18.15 0.40
N LEU B 264 -19.76 18.32 1.12
CA LEU B 264 -19.80 18.36 2.58
C LEU B 264 -20.69 19.51 3.09
N TYR B 265 -20.52 20.68 2.50
CA TYR B 265 -21.33 21.85 2.86
C TYR B 265 -22.82 21.61 2.55
N GLN B 266 -23.11 20.92 1.43
CA GLN B 266 -24.47 20.46 1.15
C GLN B 266 -24.97 19.48 2.21
N SER B 267 -24.11 18.59 2.70
CA SER B 267 -24.44 17.74 3.86
C SER B 267 -24.80 18.54 5.12
N LYS B 268 -24.00 19.56 5.43
CA LYS B 268 -24.24 20.43 6.58
C LYS B 268 -25.58 21.19 6.48
N GLN B 269 -25.84 21.76 5.30
CA GLN B 269 -27.06 22.53 5.04
C GLN B 269 -28.30 21.65 4.87
N GLY B 270 -28.08 20.35 4.68
CA GLY B 270 -29.15 19.37 4.53
C GLY B 270 -29.49 18.60 5.77
N GLY B 271 -29.17 19.14 6.95
CA GLY B 271 -29.53 18.52 8.23
C GLY B 271 -28.36 18.03 9.07
N ARG B 272 -27.14 18.02 8.50
CA ARG B 272 -26.00 17.35 9.10
C ARG B 272 -26.20 15.85 9.25
N ASN B 273 -25.21 15.16 9.81
CA ASN B 273 -25.27 13.70 10.01
C ASN B 273 -25.78 13.01 8.72
N ARG B 274 -25.12 13.33 7.62
CA ARG B 274 -25.42 12.70 6.33
C ARG B 274 -24.20 12.77 5.42
N THR B 275 -24.31 11.98 4.36
CA THR B 275 -23.31 11.88 3.30
C THR B 275 -23.95 12.46 2.03
N THR B 276 -23.18 13.29 1.31
CA THR B 276 -23.56 13.74 -0.04
C THR B 276 -22.44 13.42 -1.02
N ILE B 277 -22.85 12.85 -2.16
CA ILE B 277 -21.94 12.47 -3.22
C ILE B 277 -22.14 13.47 -4.32
N VAL B 278 -21.05 14.14 -4.70
CA VAL B 278 -21.18 15.33 -5.53
C VAL B 278 -21.78 14.89 -6.85
N ALA B 279 -22.81 15.61 -7.30
CA ALA B 279 -23.55 15.28 -8.52
C ALA B 279 -22.94 16.06 -9.69
#